data_9INA
#
_entry.id   9INA
#
_cell.length_a   150.740
_cell.length_b   150.740
_cell.length_c   150.740
_cell.angle_alpha   90.00
_cell.angle_beta   90.00
_cell.angle_gamma   90.00
#
_symmetry.space_group_name_H-M   'P 21 3'
#
loop_
_entity.id
_entity.type
_entity.pdbx_description
1 polymer 'Rieske (2Fe-2S) domain protein'
2 non-polymer 'FE (II) ION'
3 non-polymer 'FE2/S2 (INORGANIC) CLUSTER'
4 water water
#
_entity_poly.entity_id   1
_entity_poly.type   'polypeptide(L)'
_entity_poly.pdbx_seq_one_letter_code
;MGSSHHHHHHSSENLYFQGHMASMNKEMSETLTRVGPNTRMGNLLRRYWVPALMSSEIAEADGPQVRVQLLGEKLLAFRN
TDGKACLISEFCSHRGVSLYFGRNEENGIRCAYHGVKFDGDGQCVDVPSSPQSCARMHIKGYPCVERGGIVWTYMGPEEH
KPSPPELEWCTLPPEHVFVSKRLQYSNWLQAMEGGIDTAHVSYVHRFEVDTDPMHQGVKALDYIKADGNVKFEIEQTPFG
LSLFGRRNGEPDSYYWRITQWLFPWFTLIAPFGNHALGGHVWVPIDDHNCWAWSINWQPDQPLTKEERQSMEEGKGIHVE
YEEPGSFIPKANRNNDYGMDRVAQREERSYSGIFGFSAQDYSLQESMGPIQDHAAERLLPTDKAIVMARRMLNEAALGLE
QGETPPALDASEQHVRPAGVLLPRDQDPVAWAREELADATKKPVFSL
;
_entity_poly.pdbx_strand_id   A
#
loop_
_chem_comp.id
_chem_comp.type
_chem_comp.name
_chem_comp.formula
FE2 non-polymer 'FE (II) ION' 'Fe 2'
FES non-polymer 'FE2/S2 (INORGANIC) CLUSTER' 'Fe2 S2'
#
# COMPACT_ATOMS: atom_id res chain seq x y z
N HIS A 8 18.01 12.85 18.44
CA HIS A 8 16.83 12.45 19.25
C HIS A 8 15.89 13.64 19.42
N HIS A 9 14.59 13.38 19.39
CA HIS A 9 13.60 14.47 19.62
C HIS A 9 12.61 13.98 20.67
N HIS A 10 12.20 14.87 21.57
CA HIS A 10 11.28 14.46 22.64
C HIS A 10 10.21 13.48 22.13
N SER A 11 9.67 13.75 20.93
CA SER A 11 8.58 12.92 20.37
C SER A 11 8.94 11.44 20.38
N SER A 12 10.18 11.10 20.03
CA SER A 12 10.61 9.68 19.97
C SER A 12 10.14 8.94 21.23
N GLU A 13 9.17 8.04 21.09
CA GLU A 13 8.64 7.28 22.25
C GLU A 13 9.59 6.15 22.61
N ASN A 14 9.64 5.78 23.89
CA ASN A 14 10.49 4.63 24.29
C ASN A 14 9.84 3.35 23.77
N LEU A 15 10.62 2.32 23.49
CA LEU A 15 10.07 1.08 22.89
C LEU A 15 9.25 0.34 23.94
N TYR A 16 9.63 0.46 25.21
CA TYR A 16 8.94 -0.34 26.26
C TYR A 16 8.64 0.51 27.48
N PHE A 17 7.55 0.19 28.16
CA PHE A 17 7.16 0.89 29.40
C PHE A 17 6.60 -0.13 30.35
N GLN A 18 7.03 -0.07 31.61
CA GLN A 18 6.59 -1.07 32.57
C GLN A 18 6.52 -2.49 31.99
N GLY A 19 7.43 -2.83 31.07
CA GLY A 19 7.64 -4.22 30.70
C GLY A 19 6.67 -4.72 29.61
N HIS A 20 5.86 -3.81 29.08
CA HIS A 20 5.06 -4.03 27.89
C HIS A 20 5.48 -2.97 26.88
N MET A 21 5.12 -3.18 25.60
CA MET A 21 5.48 -2.24 24.56
C MET A 21 4.66 -0.96 24.76
N ALA A 22 5.24 0.18 24.38
CA ALA A 22 4.66 1.47 24.70
C ALA A 22 3.89 2.03 23.51
N SER A 23 2.77 2.68 23.84
CA SER A 23 1.94 3.31 22.82
C SER A 23 2.51 4.66 22.44
N MET A 24 1.88 5.26 21.43
CA MET A 24 2.34 6.50 20.86
C MET A 24 1.94 7.65 21.80
N ASN A 25 2.85 8.60 22.01
CA ASN A 25 2.51 9.86 22.66
C ASN A 25 1.75 10.73 21.67
N LYS A 26 1.19 11.83 22.18
CA LYS A 26 0.32 12.67 21.36
C LYS A 26 1.02 13.20 20.10
N GLU A 27 2.23 13.79 20.23
CA GLU A 27 2.93 14.40 19.11
C GLU A 27 3.29 13.37 18.03
N MET A 28 3.73 12.19 18.45
CA MET A 28 4.12 11.13 17.53
C MET A 28 2.89 10.61 16.79
N SER A 29 1.76 10.49 17.51
CA SER A 29 0.48 10.18 16.92
C SER A 29 0.24 11.08 15.71
N GLU A 30 0.48 12.39 15.91
CA GLU A 30 0.30 13.40 14.88
C GLU A 30 1.39 13.32 13.81
N THR A 31 2.66 13.13 14.22
CA THR A 31 3.73 13.10 13.24
C THR A 31 3.36 12.12 12.11
N LEU A 32 2.78 10.95 12.48
CA LEU A 32 2.60 9.84 11.55
C LEU A 32 1.30 9.90 10.75
N THR A 33 0.29 10.66 11.20
CA THR A 33 -1.03 10.59 10.60
C THR A 33 -1.33 11.76 9.67
N ARG A 34 -0.61 12.87 9.84
CA ARG A 34 -0.89 14.10 9.13
C ARG A 34 0.00 14.15 7.91
N VAL A 35 -0.63 14.03 6.74
CA VAL A 35 0.08 13.69 5.52
C VAL A 35 -0.01 14.80 4.49
N GLY A 36 -0.64 15.94 4.83
CA GLY A 36 -0.91 16.98 3.84
C GLY A 36 0.34 17.79 3.50
N PRO A 37 0.27 18.79 2.60
CA PRO A 37 1.45 19.58 2.24
C PRO A 37 2.07 20.21 3.47
N ASN A 38 3.41 20.23 3.49
CA ASN A 38 4.21 20.88 4.52
C ASN A 38 4.03 20.32 5.92
N THR A 39 3.60 19.08 6.07
CA THR A 39 3.70 18.40 7.35
C THR A 39 4.98 17.56 7.33
N ARG A 40 5.42 17.13 8.50
CA ARG A 40 6.59 16.28 8.64
C ARG A 40 6.49 15.00 7.84
N MET A 41 5.30 14.37 7.93
CA MET A 41 5.09 13.12 7.24
C MET A 41 4.69 13.40 5.80
N GLY A 42 4.02 14.53 5.56
CA GLY A 42 3.75 14.96 4.20
C GLY A 42 5.05 15.12 3.41
N ASN A 43 6.09 15.64 4.06
CA ASN A 43 7.34 15.93 3.40
C ASN A 43 8.14 14.67 3.18
N LEU A 44 8.03 13.74 4.14
CA LEU A 44 8.76 12.49 4.05
C LEU A 44 8.21 11.67 2.91
N LEU A 45 6.89 11.58 2.85
CA LEU A 45 6.29 10.68 1.89
C LEU A 45 6.50 11.23 0.49
N ARG A 46 6.76 12.53 0.37
CA ARG A 46 6.85 13.14 -0.96
C ARG A 46 8.12 12.69 -1.69
N ARG A 47 9.11 12.24 -0.92
CA ARG A 47 10.43 11.84 -1.39
C ARG A 47 10.43 10.48 -2.12
N TYR A 48 9.36 9.69 -1.94
CA TYR A 48 9.23 8.40 -2.59
C TYR A 48 8.24 8.53 -3.75
N TRP A 49 8.47 7.71 -4.77
CA TRP A 49 7.50 7.55 -5.84
C TRP A 49 6.18 7.08 -5.25
N VAL A 50 5.09 7.65 -5.74
CA VAL A 50 3.76 7.48 -5.17
C VAL A 50 2.85 6.87 -6.21
N PRO A 51 2.15 5.75 -5.91
CA PRO A 51 1.17 5.20 -6.84
C PRO A 51 -0.10 6.03 -6.88
N ALA A 52 -0.36 6.57 -8.08
CA ALA A 52 -1.41 7.55 -8.29
C ALA A 52 -2.69 6.85 -8.73
N LEU A 53 -2.63 6.19 -9.89
CA LEU A 53 -3.77 5.42 -10.36
C LEU A 53 -3.27 4.35 -11.33
N MET A 54 -4.20 3.51 -11.81
CA MET A 54 -3.86 2.44 -12.75
C MET A 54 -3.84 2.97 -14.18
N SER A 55 -2.92 2.43 -15.00
CA SER A 55 -2.81 2.78 -16.41
C SER A 55 -4.14 2.60 -17.13
N SER A 56 -4.89 1.55 -16.76
CA SER A 56 -6.15 1.24 -17.43
C SER A 56 -7.20 2.35 -17.25
N GLU A 57 -7.09 3.19 -16.22
CA GLU A 57 -8.10 4.23 -15.96
C GLU A 57 -7.97 5.41 -16.93
N ILE A 58 -6.76 5.58 -17.50
CA ILE A 58 -6.45 6.55 -18.54
C ILE A 58 -5.74 5.85 -19.69
N ALA A 59 -6.43 4.86 -20.27
CA ALA A 59 -5.86 3.95 -21.24
C ALA A 59 -5.33 4.71 -22.44
N GLU A 60 -6.19 5.49 -23.09
CA GLU A 60 -5.87 6.02 -24.40
C GLU A 60 -5.53 7.51 -24.35
N ALA A 61 -4.78 7.92 -25.39
CA ALA A 61 -4.37 9.30 -25.56
C ALA A 61 -5.58 10.21 -25.88
N ASP A 62 -5.55 11.40 -25.29
CA ASP A 62 -6.55 12.43 -25.46
C ASP A 62 -7.85 11.98 -24.80
N GLY A 63 -7.71 10.90 -24.02
CA GLY A 63 -8.80 10.27 -23.28
C GLY A 63 -9.23 11.11 -22.07
N PRO A 64 -10.41 10.78 -21.52
CA PRO A 64 -10.97 11.52 -20.38
C PRO A 64 -10.04 11.56 -19.19
N GLN A 65 -9.70 12.77 -18.75
CA GLN A 65 -8.89 12.98 -17.56
C GLN A 65 -9.62 12.43 -16.34
N VAL A 66 -8.89 12.13 -15.24
CA VAL A 66 -9.57 11.66 -14.03
C VAL A 66 -8.97 12.38 -12.84
N ARG A 67 -9.86 12.70 -11.88
CA ARG A 67 -9.48 13.37 -10.66
C ARG A 67 -8.86 12.35 -9.74
N VAL A 68 -7.83 12.78 -9.01
CA VAL A 68 -7.05 11.93 -8.13
C VAL A 68 -6.53 12.79 -6.98
N GLN A 69 -6.66 12.31 -5.75
CA GLN A 69 -6.25 13.08 -4.61
C GLN A 69 -5.22 12.29 -3.81
N LEU A 70 -4.04 12.89 -3.59
CA LEU A 70 -2.93 12.21 -2.95
C LEU A 70 -2.27 13.13 -1.94
N LEU A 71 -2.05 12.60 -0.75
CA LEU A 71 -1.23 13.29 0.23
C LEU A 71 -1.77 14.70 0.42
N GLY A 72 -3.10 14.81 0.47
CA GLY A 72 -3.74 16.10 0.74
C GLY A 72 -3.98 16.93 -0.52
N GLU A 73 -3.15 16.82 -1.57
CA GLU A 73 -3.31 17.64 -2.76
C GLU A 73 -4.34 17.01 -3.69
N LYS A 74 -5.11 17.87 -4.37
CA LYS A 74 -6.10 17.45 -5.34
C LYS A 74 -5.57 17.61 -6.76
N LEU A 75 -5.46 16.50 -7.49
CA LEU A 75 -4.81 16.53 -8.80
C LEU A 75 -5.73 15.99 -9.88
N LEU A 76 -5.16 15.99 -11.09
CA LEU A 76 -5.82 15.56 -12.31
C LEU A 76 -4.81 14.78 -13.14
N ALA A 77 -5.21 13.55 -13.47
CA ALA A 77 -4.38 12.66 -14.27
C ALA A 77 -5.00 12.53 -15.65
N PHE A 78 -4.12 12.49 -16.66
CA PHE A 78 -4.53 12.31 -18.04
C PHE A 78 -3.34 11.89 -18.88
N ARG A 79 -3.65 11.38 -20.08
CA ARG A 79 -2.64 10.87 -21.00
C ARG A 79 -2.61 11.75 -22.23
N ASN A 80 -1.47 12.39 -22.52
CA ASN A 80 -1.44 13.39 -23.58
C ASN A 80 -1.42 12.71 -24.95
N THR A 81 -1.15 13.50 -26.00
CA THR A 81 -1.33 13.01 -27.36
C THR A 81 -0.22 12.03 -27.72
N ASP A 82 0.99 12.32 -27.27
CA ASP A 82 2.14 11.44 -27.42
C ASP A 82 1.92 10.11 -26.71
N GLY A 83 1.00 10.05 -25.74
CA GLY A 83 0.79 8.83 -24.97
C GLY A 83 1.40 8.87 -23.56
N LYS A 84 2.00 9.99 -23.15
CA LYS A 84 2.67 10.04 -21.82
C LYS A 84 1.66 10.35 -20.71
N ALA A 85 1.62 9.53 -19.65
CA ALA A 85 0.78 9.81 -18.51
C ALA A 85 1.33 11.03 -17.77
N CYS A 86 0.44 11.99 -17.53
CA CYS A 86 0.81 13.21 -16.83
C CYS A 86 -0.09 13.41 -15.63
N LEU A 87 0.36 14.26 -14.73
CA LEU A 87 -0.38 14.57 -13.53
C LEU A 87 -0.12 16.02 -13.14
N ILE A 88 -1.21 16.81 -13.09
CA ILE A 88 -1.12 18.22 -12.74
C ILE A 88 -2.11 18.56 -11.63
N SER A 89 -1.99 19.79 -11.11
CA SER A 89 -2.95 20.31 -10.17
C SER A 89 -4.35 20.39 -10.81
N GLU A 90 -5.42 20.13 -10.05
CA GLU A 90 -6.77 20.12 -10.57
C GLU A 90 -7.25 21.49 -11.04
N PHE A 91 -6.68 22.60 -10.55
CA PHE A 91 -7.34 23.89 -10.71
C PHE A 91 -6.61 24.88 -11.61
N CYS A 92 -7.38 25.48 -12.53
CA CYS A 92 -6.91 26.57 -13.38
C CYS A 92 -6.36 27.67 -12.49
N SER A 93 -5.19 28.19 -12.88
CA SER A 93 -4.53 29.26 -12.15
C SER A 93 -5.27 30.59 -12.29
N HIS A 94 -6.08 30.74 -13.35
CA HIS A 94 -6.82 31.97 -13.66
C HIS A 94 -7.83 32.32 -12.55
N ARG A 95 -9.00 31.67 -12.55
CA ARG A 95 -10.04 31.97 -11.58
C ARG A 95 -10.48 30.72 -10.81
N GLY A 96 -9.66 29.65 -10.82
CA GLY A 96 -9.80 28.56 -9.88
C GLY A 96 -10.76 27.44 -10.27
N VAL A 97 -11.31 27.48 -11.49
CA VAL A 97 -12.21 26.46 -12.00
C VAL A 97 -11.48 25.14 -12.17
N SER A 98 -12.22 24.02 -12.12
CA SER A 98 -11.65 22.70 -12.30
C SER A 98 -11.29 22.39 -13.76
N LEU A 99 -10.09 21.83 -13.93
CA LEU A 99 -9.62 21.39 -15.25
C LEU A 99 -10.19 20.03 -15.62
N TYR A 100 -10.97 19.40 -14.73
CA TYR A 100 -11.72 18.22 -15.12
C TYR A 100 -12.67 18.55 -16.28
N PHE A 101 -13.14 19.81 -16.37
CA PHE A 101 -14.08 20.21 -17.41
C PHE A 101 -13.36 20.69 -18.68
N GLY A 102 -12.03 20.64 -18.67
CA GLY A 102 -11.28 21.16 -19.80
C GLY A 102 -11.12 20.11 -20.90
N ARG A 103 -10.23 20.41 -21.85
CA ARG A 103 -10.09 19.63 -23.06
C ARG A 103 -8.67 19.07 -23.14
N ASN A 104 -8.59 17.74 -23.05
CA ASN A 104 -7.37 17.01 -23.34
C ASN A 104 -7.22 16.86 -24.85
N GLU A 105 -6.28 17.63 -25.41
CA GLU A 105 -5.94 17.58 -26.83
C GLU A 105 -4.67 18.39 -27.05
N GLU A 106 -4.00 18.09 -28.16
CA GLU A 106 -2.78 18.77 -28.56
C GLU A 106 -1.84 18.89 -27.35
N ASN A 107 -1.53 17.76 -26.73
CA ASN A 107 -0.54 17.65 -25.65
C ASN A 107 -0.84 18.63 -24.53
N GLY A 108 -2.10 18.66 -24.07
CA GLY A 108 -2.39 19.54 -22.95
C GLY A 108 -3.84 19.52 -22.50
N ILE A 109 -4.09 20.20 -21.37
CA ILE A 109 -5.43 20.44 -20.87
C ILE A 109 -5.77 21.91 -21.06
N ARG A 110 -6.88 22.20 -21.76
CA ARG A 110 -7.33 23.56 -21.96
C ARG A 110 -8.59 23.84 -21.13
N CYS A 111 -8.52 24.82 -20.23
CA CYS A 111 -9.59 25.18 -19.30
C CYS A 111 -10.86 25.52 -20.09
N ALA A 112 -12.02 25.10 -19.61
CA ALA A 112 -13.22 25.33 -20.39
C ALA A 112 -13.73 26.77 -20.29
N TYR A 113 -13.25 27.52 -19.30
CA TYR A 113 -13.85 28.86 -19.06
C TYR A 113 -13.33 29.89 -20.04
N HIS A 114 -12.01 30.12 -20.04
CA HIS A 114 -11.46 31.15 -20.91
C HIS A 114 -10.29 30.70 -21.77
N GLY A 115 -10.02 29.38 -21.81
CA GLY A 115 -9.15 28.82 -22.83
C GLY A 115 -7.67 28.73 -22.47
N VAL A 116 -7.29 28.98 -21.22
CA VAL A 116 -5.88 28.83 -20.86
C VAL A 116 -5.49 27.35 -20.89
N LYS A 117 -4.30 27.06 -21.41
CA LYS A 117 -3.90 25.69 -21.62
C LYS A 117 -2.60 25.40 -20.87
N PHE A 118 -2.55 24.22 -20.27
CA PHE A 118 -1.37 23.75 -19.55
C PHE A 118 -0.94 22.42 -20.16
N ASP A 119 0.38 22.21 -20.16
CA ASP A 119 0.98 20.97 -20.61
C ASP A 119 1.12 20.06 -19.39
N GLY A 120 1.69 18.86 -19.61
CA GLY A 120 1.85 17.81 -18.62
C GLY A 120 2.75 18.16 -17.43
N ASP A 121 3.68 19.11 -17.59
CA ASP A 121 4.51 19.56 -16.49
C ASP A 121 3.89 20.76 -15.78
N GLY A 122 2.67 21.13 -16.17
CA GLY A 122 1.95 22.22 -15.52
C GLY A 122 2.40 23.58 -16.02
N GLN A 123 3.23 23.61 -17.08
CA GLN A 123 3.62 24.84 -17.75
C GLN A 123 2.44 25.34 -18.56
N CYS A 124 2.18 26.63 -18.40
CA CYS A 124 1.14 27.32 -19.13
C CYS A 124 1.70 27.61 -20.51
N VAL A 125 1.04 27.13 -21.56
CA VAL A 125 1.62 27.18 -22.90
C VAL A 125 0.78 28.06 -23.82
N ASP A 126 -0.43 28.45 -23.40
CA ASP A 126 -1.25 29.36 -24.19
C ASP A 126 -2.14 30.18 -23.25
N VAL A 127 -2.12 31.50 -23.41
CA VAL A 127 -3.09 32.39 -22.79
C VAL A 127 -3.69 33.28 -23.86
N PRO A 128 -4.91 33.00 -24.38
CA PRO A 128 -5.58 33.86 -25.36
C PRO A 128 -5.51 35.36 -25.14
N SER A 129 -5.89 35.82 -23.95
CA SER A 129 -6.06 37.26 -23.76
C SER A 129 -4.72 37.96 -23.52
N SER A 130 -3.60 37.22 -23.46
CA SER A 130 -2.38 37.79 -22.88
C SER A 130 -1.20 36.82 -22.99
N PRO A 131 -0.65 36.59 -24.21
CA PRO A 131 0.52 35.70 -24.40
C PRO A 131 1.75 35.90 -23.52
N GLN A 132 1.98 37.14 -23.09
CA GLN A 132 3.10 37.49 -22.23
C GLN A 132 2.87 37.06 -20.77
N SER A 133 1.67 36.60 -20.41
CA SER A 133 1.35 36.24 -19.03
C SER A 133 1.71 34.79 -18.68
N CYS A 134 2.07 33.99 -19.71
CA CYS A 134 2.39 32.59 -19.54
C CYS A 134 3.15 32.33 -18.24
N ALA A 135 4.27 33.02 -18.03
CA ALA A 135 5.16 32.68 -16.92
C ALA A 135 4.52 32.90 -15.55
N ARG A 136 3.42 33.67 -15.43
CA ARG A 136 2.83 33.87 -14.11
C ARG A 136 1.65 32.94 -13.88
N MET A 137 1.33 32.11 -14.87
CA MET A 137 0.13 31.27 -14.83
C MET A 137 0.47 29.80 -14.61
N HIS A 138 1.73 29.48 -14.30
CA HIS A 138 2.12 28.07 -14.16
C HIS A 138 1.39 27.49 -12.96
N ILE A 139 1.10 26.19 -13.06
CA ILE A 139 0.61 25.39 -11.95
C ILE A 139 1.54 24.22 -11.73
N LYS A 140 1.22 23.49 -10.66
CA LYS A 140 2.01 22.37 -10.22
C LYS A 140 1.76 21.19 -11.14
N GLY A 141 2.87 20.66 -11.69
CA GLY A 141 2.87 19.46 -12.49
C GLY A 141 3.97 18.53 -11.98
N TYR A 142 3.71 17.22 -12.02
CA TYR A 142 4.54 16.25 -11.34
C TYR A 142 4.97 15.13 -12.29
N PRO A 143 6.28 14.83 -12.39
CA PRO A 143 6.74 13.78 -13.29
C PRO A 143 6.13 12.40 -12.99
N CYS A 144 5.99 11.56 -14.03
CA CYS A 144 5.34 10.25 -13.95
C CYS A 144 6.12 9.17 -14.71
N VAL A 145 5.91 7.91 -14.33
CA VAL A 145 6.51 6.73 -14.96
C VAL A 145 5.52 5.59 -14.79
N GLU A 146 5.54 4.61 -15.68
CA GLU A 146 4.54 3.54 -15.61
C GLU A 146 5.22 2.21 -15.35
N ARG A 147 4.75 1.50 -14.33
CA ARG A 147 5.33 0.20 -13.93
C ARG A 147 4.30 -0.62 -13.15
N GLY A 148 4.12 -1.90 -13.48
CA GLY A 148 3.18 -2.77 -12.77
C GLY A 148 1.76 -2.54 -13.25
N GLY A 149 1.59 -1.68 -14.25
CA GLY A 149 0.27 -1.28 -14.71
C GLY A 149 -0.26 -0.09 -13.93
N ILE A 150 0.65 0.57 -13.20
CA ILE A 150 0.35 1.69 -12.34
C ILE A 150 1.10 2.93 -12.82
N VAL A 151 0.42 4.08 -12.79
CA VAL A 151 1.08 5.36 -12.98
C VAL A 151 1.62 5.79 -11.63
N TRP A 152 2.93 6.02 -11.56
CA TRP A 152 3.60 6.53 -10.38
C TRP A 152 3.95 8.00 -10.61
N THR A 153 3.90 8.81 -9.54
CA THR A 153 4.29 10.20 -9.67
C THR A 153 5.29 10.58 -8.60
N TYR A 154 6.15 11.58 -8.91
CA TYR A 154 7.13 12.04 -7.94
C TYR A 154 6.81 13.48 -7.54
N MET A 155 6.51 13.65 -6.25
CA MET A 155 5.83 14.86 -5.81
C MET A 155 6.76 15.69 -4.95
N GLY A 156 8.06 15.40 -4.98
CA GLY A 156 8.97 16.02 -4.05
C GLY A 156 9.80 17.08 -4.77
N PRO A 157 10.71 17.78 -4.06
CA PRO A 157 11.67 18.69 -4.70
C PRO A 157 12.34 18.10 -5.93
N GLU A 158 12.58 18.91 -6.97
CA GLU A 158 13.04 18.37 -8.26
C GLU A 158 14.42 17.71 -8.13
N GLU A 159 15.28 18.18 -7.23
CA GLU A 159 16.66 17.70 -7.26
C GLU A 159 16.85 16.36 -6.54
N HIS A 160 15.82 15.82 -5.87
CA HIS A 160 15.99 14.63 -5.05
C HIS A 160 15.17 13.45 -5.56
N LYS A 161 14.63 13.56 -6.78
CA LYS A 161 13.88 12.49 -7.42
C LYS A 161 14.75 11.23 -7.54
N PRO A 162 14.31 10.09 -6.94
CA PRO A 162 15.10 8.86 -6.99
C PRO A 162 14.78 7.98 -8.18
N SER A 163 15.45 6.83 -8.23
CA SER A 163 15.20 5.82 -9.25
C SER A 163 13.81 5.23 -9.04
N PRO A 164 13.10 4.86 -10.12
CA PRO A 164 11.72 4.40 -9.98
C PRO A 164 11.79 3.00 -9.37
N PRO A 165 10.71 2.54 -8.72
CA PRO A 165 10.80 1.41 -7.81
C PRO A 165 10.96 0.10 -8.58
N GLU A 166 11.67 -0.87 -7.98
CA GLU A 166 12.08 -2.09 -8.67
C GLU A 166 11.59 -3.33 -7.94
N LEU A 167 10.48 -3.11 -7.20
CA LEU A 167 9.79 -4.23 -6.54
C LEU A 167 9.56 -5.31 -7.59
N GLU A 168 9.42 -6.55 -7.13
CA GLU A 168 9.36 -7.65 -8.08
C GLU A 168 8.18 -7.51 -9.03
N TRP A 169 7.00 -7.08 -8.57
CA TRP A 169 5.83 -6.99 -9.44
C TRP A 169 5.89 -5.80 -10.41
N CYS A 170 6.88 -4.90 -10.21
CA CYS A 170 7.12 -3.76 -11.09
C CYS A 170 8.04 -4.10 -12.27
N THR A 171 8.90 -5.13 -12.11
CA THR A 171 9.87 -5.51 -13.14
C THR A 171 9.34 -6.64 -14.03
N LEU A 172 8.45 -7.50 -13.54
CA LEU A 172 8.01 -8.63 -14.33
C LEU A 172 7.22 -8.18 -15.56
N PRO A 173 7.00 -9.09 -16.55
CA PRO A 173 6.15 -8.78 -17.69
C PRO A 173 4.69 -8.73 -17.25
N PRO A 174 3.88 -7.86 -17.89
CA PRO A 174 2.47 -7.68 -17.54
C PRO A 174 1.56 -8.85 -17.11
N GLU A 175 1.70 -10.02 -17.73
CA GLU A 175 0.71 -11.11 -17.59
C GLU A 175 1.15 -12.04 -16.45
N HIS A 176 2.26 -11.69 -15.78
CA HIS A 176 2.63 -12.28 -14.50
C HIS A 176 1.98 -11.55 -13.33
N VAL A 177 1.26 -10.45 -13.59
CA VAL A 177 0.92 -9.46 -12.59
C VAL A 177 -0.55 -9.04 -12.70
N PHE A 178 -1.14 -8.70 -11.53
CA PHE A 178 -2.52 -8.23 -11.45
C PHE A 178 -2.66 -7.31 -10.25
N VAL A 179 -3.29 -6.16 -10.49
CA VAL A 179 -3.35 -5.05 -9.55
C VAL A 179 -4.80 -4.60 -9.38
N SER A 180 -5.21 -4.29 -8.15
CA SER A 180 -6.53 -3.72 -7.92
C SER A 180 -6.36 -2.67 -6.85
N LYS A 181 -7.35 -1.79 -6.70
CA LYS A 181 -7.28 -0.82 -5.63
C LYS A 181 -8.66 -0.64 -5.04
N ARG A 182 -8.71 -0.26 -3.76
CA ARG A 182 -10.00 -0.06 -3.07
C ARG A 182 -9.93 1.17 -2.19
N LEU A 183 -10.99 1.97 -2.17
CA LEU A 183 -11.07 3.10 -1.27
C LEU A 183 -11.44 2.63 0.13
N GLN A 184 -10.70 3.20 1.10
CA GLN A 184 -10.76 2.77 2.49
C GLN A 184 -10.94 4.01 3.34
N TYR A 185 -11.96 3.96 4.21
CA TYR A 185 -12.47 5.13 4.93
C TYR A 185 -11.72 5.23 6.26
N SER A 186 -10.39 5.32 6.17
CA SER A 186 -9.55 5.48 7.35
C SER A 186 -8.14 5.88 6.95
N ASN A 187 -7.42 6.42 7.95
CA ASN A 187 -6.06 6.92 7.82
C ASN A 187 -5.14 5.80 7.40
N TRP A 188 -4.14 6.14 6.56
CA TRP A 188 -3.23 5.17 5.98
C TRP A 188 -2.57 4.31 7.05
N LEU A 189 -2.18 4.91 8.17
CA LEU A 189 -1.40 4.18 9.16
C LEU A 189 -2.13 2.92 9.62
N GLN A 190 -3.32 3.03 10.21
CA GLN A 190 -3.98 1.83 10.81
C GLN A 190 -4.20 0.72 9.78
N ALA A 191 -4.22 1.05 8.51
CA ALA A 191 -4.51 0.10 7.46
C ALA A 191 -3.27 -0.71 7.13
N MET A 192 -2.16 0.00 6.92
CA MET A 192 -0.86 -0.62 6.76
C MET A 192 -0.52 -1.47 7.99
N GLU A 193 -0.91 -0.96 9.17
CA GLU A 193 -0.60 -1.68 10.40
C GLU A 193 -1.22 -3.07 10.33
N GLY A 194 -2.32 -3.21 9.57
CA GLY A 194 -3.04 -4.46 9.48
C GLY A 194 -2.29 -5.52 8.68
N GLY A 195 -1.36 -5.13 7.82
CA GLY A 195 -0.65 -6.08 6.99
C GLY A 195 0.75 -6.35 7.54
N ILE A 196 0.96 -6.01 8.83
CA ILE A 196 2.26 -6.25 9.54
C ILE A 196 1.80 -6.81 10.89
N ASP A 197 0.82 -7.70 10.86
CA ASP A 197 0.16 -8.29 12.00
C ASP A 197 -0.37 -9.65 11.56
N THR A 198 0.50 -10.66 11.56
CA THR A 198 0.16 -11.92 10.92
C THR A 198 -0.69 -12.71 11.94
N ALA A 199 -0.68 -12.31 13.21
CA ALA A 199 -1.52 -12.99 14.16
C ALA A 199 -3.00 -12.84 13.81
N HIS A 200 -3.38 -11.73 13.16
CA HIS A 200 -4.77 -11.48 12.78
C HIS A 200 -5.35 -12.66 11.99
N VAL A 201 -4.52 -13.28 11.15
CA VAL A 201 -4.96 -14.30 10.20
C VAL A 201 -5.58 -15.49 10.94
N SER A 202 -5.12 -15.73 12.17
CA SER A 202 -5.56 -16.90 12.90
C SER A 202 -6.96 -16.70 13.45
N TYR A 203 -7.45 -15.45 13.52
CA TYR A 203 -8.76 -15.14 14.10
C TYR A 203 -9.75 -14.76 13.00
N VAL A 204 -9.71 -13.53 12.51
CA VAL A 204 -10.78 -13.09 11.64
C VAL A 204 -10.88 -13.91 10.36
N HIS A 205 -9.75 -14.43 9.86
CA HIS A 205 -9.69 -15.15 8.58
C HIS A 205 -9.76 -16.69 8.75
N ARG A 206 -9.82 -17.17 9.99
CA ARG A 206 -9.80 -18.62 10.30
C ARG A 206 -10.60 -19.46 9.29
N PHE A 207 -11.82 -19.07 8.96
CA PHE A 207 -12.67 -19.90 8.11
C PHE A 207 -12.61 -19.50 6.64
N GLU A 208 -12.17 -18.27 6.30
CA GLU A 208 -12.08 -17.84 4.92
C GLU A 208 -10.92 -18.53 4.20
N VAL A 209 -9.98 -19.03 4.98
CA VAL A 209 -8.69 -19.40 4.46
C VAL A 209 -8.86 -20.72 3.70
N ASP A 210 -10.00 -21.42 3.92
CA ASP A 210 -10.26 -22.75 3.38
C ASP A 210 -11.15 -22.75 2.13
N THR A 211 -12.03 -21.75 2.01
CA THR A 211 -13.00 -21.70 0.92
C THR A 211 -12.41 -20.95 -0.29
N ASP A 212 -11.35 -20.16 -0.07
CA ASP A 212 -10.92 -19.15 -1.01
C ASP A 212 -9.81 -19.66 -1.92
N PRO A 213 -9.95 -19.55 -3.27
CA PRO A 213 -9.03 -20.22 -4.20
C PRO A 213 -7.57 -19.75 -4.31
N MET A 214 -7.28 -18.59 -3.70
CA MET A 214 -5.92 -18.05 -3.70
C MET A 214 -5.20 -18.46 -2.41
N HIS A 215 -5.85 -19.30 -1.59
CA HIS A 215 -5.37 -19.59 -0.24
C HIS A 215 -5.52 -21.07 0.16
N GLN A 216 -6.49 -21.81 -0.43
CA GLN A 216 -7.01 -23.05 0.15
C GLN A 216 -6.12 -24.25 -0.14
N GLY A 217 -6.21 -25.27 0.74
CA GLY A 217 -5.72 -26.62 0.49
C GLY A 217 -4.19 -26.77 0.55
N VAL A 218 -3.53 -25.99 1.41
CA VAL A 218 -2.09 -26.03 1.52
C VAL A 218 -1.76 -26.28 2.98
N LYS A 219 -0.57 -26.79 3.27
CA LYS A 219 -0.33 -27.35 4.58
C LYS A 219 -0.15 -26.23 5.62
N ALA A 220 0.20 -25.03 5.16
CA ALA A 220 0.39 -23.91 6.07
C ALA A 220 -0.83 -23.67 6.95
N LEU A 221 -2.03 -24.00 6.41
CA LEU A 221 -3.28 -23.64 7.05
C LEU A 221 -3.48 -24.37 8.37
N ASP A 222 -3.02 -25.62 8.45
CA ASP A 222 -3.22 -26.46 9.63
C ASP A 222 -2.49 -25.80 10.81
N TYR A 223 -1.34 -25.17 10.52
CA TYR A 223 -0.44 -24.62 11.53
C TYR A 223 -0.90 -23.23 11.96
N ILE A 224 -1.32 -22.41 10.98
CA ILE A 224 -1.95 -21.11 11.17
C ILE A 224 -3.23 -21.20 11.98
N LYS A 225 -4.11 -22.15 11.62
CA LYS A 225 -5.36 -22.35 12.33
C LYS A 225 -5.13 -22.74 13.78
N ALA A 226 -4.09 -23.52 14.03
CA ALA A 226 -3.87 -24.17 15.31
C ALA A 226 -3.00 -23.34 16.26
N ASP A 227 -2.62 -22.09 15.92
CA ASP A 227 -1.84 -21.27 16.84
C ASP A 227 -1.89 -19.80 16.43
N GLY A 228 -2.57 -18.97 17.23
CA GLY A 228 -2.66 -17.55 16.95
C GLY A 228 -1.56 -16.77 17.66
N ASN A 229 -0.82 -17.48 18.51
CA ASN A 229 0.06 -16.86 19.48
C ASN A 229 1.46 -16.75 18.87
N VAL A 230 1.68 -15.64 18.17
CA VAL A 230 2.80 -15.47 17.26
C VAL A 230 3.92 -14.73 17.97
N LYS A 231 5.09 -15.38 18.09
CA LYS A 231 6.28 -14.72 18.57
C LYS A 231 7.00 -14.14 17.36
N PHE A 232 7.62 -12.98 17.54
CA PHE A 232 8.14 -12.21 16.41
C PHE A 232 9.65 -12.06 16.55
N GLU A 233 10.34 -12.12 15.41
CA GLU A 233 11.69 -11.61 15.31
C GLU A 233 11.80 -10.67 14.14
N ILE A 234 12.50 -9.57 14.40
CA ILE A 234 12.50 -8.44 13.50
C ILE A 234 13.96 -8.13 13.19
N GLU A 235 14.27 -8.05 11.90
CA GLU A 235 15.60 -7.69 11.48
C GLU A 235 15.47 -6.47 10.57
N GLN A 236 16.21 -5.43 10.91
CA GLN A 236 16.29 -4.19 10.15
C GLN A 236 17.20 -4.35 8.94
N THR A 237 16.85 -3.72 7.81
CA THR A 237 17.53 -3.98 6.54
C THR A 237 17.59 -2.68 5.74
N PRO A 238 18.38 -2.64 4.65
CA PRO A 238 18.38 -1.46 3.76
C PRO A 238 17.06 -0.96 3.17
N PHE A 239 16.06 -1.84 3.06
CA PHE A 239 14.81 -1.56 2.37
C PHE A 239 13.63 -1.33 3.33
N GLY A 240 13.80 -1.71 4.61
CA GLY A 240 12.72 -1.64 5.60
C GLY A 240 12.94 -2.61 6.76
N LEU A 241 11.98 -3.53 7.00
CA LEU A 241 12.13 -4.55 8.03
C LEU A 241 11.79 -5.92 7.44
N SER A 242 12.33 -6.98 8.05
CA SER A 242 11.95 -8.35 7.76
C SER A 242 11.27 -8.93 9.00
N LEU A 243 10.08 -9.49 8.80
CA LEU A 243 9.24 -9.91 9.90
C LEU A 243 9.15 -11.43 9.94
N PHE A 244 9.81 -12.03 10.96
CA PHE A 244 9.84 -13.47 11.19
C PHE A 244 8.73 -13.82 12.20
N GLY A 245 7.58 -14.28 11.69
CA GLY A 245 6.45 -14.64 12.52
C GLY A 245 6.41 -16.14 12.82
N ARG A 246 6.71 -16.45 14.08
CA ARG A 246 6.83 -17.83 14.52
C ARG A 246 5.52 -18.41 15.06
N ARG A 247 5.13 -19.58 14.56
CA ARG A 247 4.08 -20.39 15.14
C ARG A 247 4.57 -21.81 15.34
N ASN A 248 3.88 -22.58 16.18
CA ASN A 248 4.20 -23.98 16.32
C ASN A 248 3.90 -24.71 15.02
N GLY A 249 4.88 -25.49 14.57
CA GLY A 249 4.70 -26.49 13.54
C GLY A 249 4.31 -27.83 14.18
N GLU A 250 5.07 -28.89 13.86
CA GLU A 250 5.02 -30.17 14.54
C GLU A 250 5.64 -29.98 15.93
N PRO A 251 5.66 -30.99 16.84
CA PRO A 251 6.35 -30.79 18.13
C PRO A 251 7.86 -30.58 18.03
N ASP A 252 8.51 -31.13 17.01
CA ASP A 252 9.92 -30.85 16.75
C ASP A 252 10.21 -29.44 16.21
N SER A 253 9.20 -28.69 15.70
CA SER A 253 9.49 -27.63 14.71
C SER A 253 8.61 -26.38 14.89
N TYR A 254 8.93 -25.35 14.09
CA TYR A 254 8.25 -24.08 14.06
C TYR A 254 7.96 -23.64 12.62
N TYR A 255 6.73 -23.19 12.33
CA TYR A 255 6.37 -22.62 11.02
C TYR A 255 6.67 -21.12 11.03
N TRP A 256 7.66 -20.71 10.24
CA TRP A 256 8.09 -19.32 10.15
C TRP A 256 7.44 -18.69 8.93
N ARG A 257 6.66 -17.62 9.15
CA ARG A 257 6.19 -16.81 8.03
C ARG A 257 7.02 -15.54 8.03
N ILE A 258 7.68 -15.28 6.92
CA ILE A 258 8.56 -14.13 6.82
C ILE A 258 7.92 -13.15 5.85
N THR A 259 7.39 -12.03 6.37
CA THR A 259 6.85 -11.03 5.46
C THR A 259 7.86 -9.88 5.43
N GLN A 260 7.84 -9.17 4.31
CA GLN A 260 8.81 -8.14 4.04
C GLN A 260 8.07 -6.81 4.09
N TRP A 261 8.53 -5.88 4.93
CA TRP A 261 7.97 -4.53 4.93
C TRP A 261 8.96 -3.58 4.26
N LEU A 262 8.55 -3.03 3.11
CA LEU A 262 9.43 -2.16 2.34
C LEU A 262 8.98 -0.72 2.55
N PHE A 263 9.81 0.01 3.27
CA PHE A 263 9.50 1.36 3.69
C PHE A 263 9.22 2.22 2.47
N PRO A 264 8.28 3.19 2.52
CA PRO A 264 7.41 3.39 3.69
C PRO A 264 6.07 2.66 3.77
N TRP A 265 5.56 2.15 2.63
CA TRP A 265 4.16 1.65 2.62
C TRP A 265 3.92 0.40 1.79
N PHE A 266 4.88 -0.51 1.69
CA PHE A 266 4.65 -1.74 0.94
C PHE A 266 4.78 -2.98 1.81
N THR A 267 4.00 -4.02 1.50
CA THR A 267 4.29 -5.37 1.98
C THR A 267 4.34 -6.38 0.83
N LEU A 268 5.17 -7.39 1.11
CA LEU A 268 5.17 -8.68 0.43
C LEU A 268 4.76 -9.72 1.46
N ILE A 269 3.67 -10.47 1.19
CA ILE A 269 3.08 -11.37 2.17
C ILE A 269 3.66 -12.75 1.97
N ALA A 270 3.89 -13.47 3.07
CA ALA A 270 4.50 -14.78 3.00
C ALA A 270 3.53 -15.73 2.27
N PRO A 271 4.02 -16.57 1.35
CA PRO A 271 3.14 -17.35 0.49
C PRO A 271 2.30 -18.42 1.17
N PHE A 272 1.18 -18.71 0.49
CA PHE A 272 0.40 -19.92 0.70
C PHE A 272 0.59 -20.83 -0.52
N GLY A 273 1.48 -21.84 -0.40
CA GLY A 273 1.63 -22.88 -1.40
C GLY A 273 2.25 -22.34 -2.68
N ASN A 274 1.77 -22.84 -3.82
CA ASN A 274 2.16 -22.28 -5.11
C ASN A 274 1.19 -21.23 -5.59
N HIS A 275 0.18 -20.87 -4.79
CA HIS A 275 -0.77 -19.82 -5.14
C HIS A 275 0.02 -18.53 -5.37
N ALA A 276 -0.52 -17.60 -6.16
CA ALA A 276 0.30 -16.45 -6.52
C ALA A 276 0.78 -15.73 -5.27
N LEU A 277 1.92 -15.05 -5.36
CA LEU A 277 2.38 -14.18 -4.30
C LEU A 277 1.48 -12.95 -4.19
N GLY A 278 1.36 -12.42 -2.98
CA GLY A 278 0.50 -11.29 -2.66
C GLY A 278 1.26 -10.12 -2.02
N GLY A 279 0.75 -8.91 -2.24
CA GLY A 279 1.35 -7.73 -1.66
C GLY A 279 0.34 -6.60 -1.59
N HIS A 280 0.61 -5.62 -0.71
CA HIS A 280 -0.18 -4.42 -0.60
C HIS A 280 0.65 -3.16 -0.82
N VAL A 281 -0.05 -2.05 -1.10
CA VAL A 281 0.42 -0.69 -0.82
C VAL A 281 -0.73 0.10 -0.18
N TRP A 282 -0.38 1.04 0.71
CA TRP A 282 -1.35 2.00 1.20
C TRP A 282 -0.91 3.45 0.95
N VAL A 283 -1.76 4.22 0.29
CA VAL A 283 -1.41 5.57 -0.07
C VAL A 283 -2.44 6.52 0.52
N PRO A 284 -1.99 7.55 1.29
CA PRO A 284 -2.91 8.50 1.89
C PRO A 284 -3.56 9.44 0.91
N ILE A 285 -4.88 9.54 0.95
CA ILE A 285 -5.60 10.53 0.11
C ILE A 285 -5.64 11.80 0.95
N ASP A 286 -6.07 11.66 2.20
CA ASP A 286 -6.06 12.80 3.15
C ASP A 286 -5.69 12.20 4.51
N ASP A 287 -6.15 12.82 5.58
CA ASP A 287 -5.79 12.33 6.93
C ASP A 287 -6.83 11.31 7.39
N HIS A 288 -7.90 11.14 6.60
CA HIS A 288 -9.00 10.26 7.01
C HIS A 288 -9.30 9.12 6.03
N ASN A 289 -8.57 9.04 4.92
CA ASN A 289 -8.85 8.07 3.87
C ASN A 289 -7.58 7.66 3.16
N CYS A 290 -7.65 6.51 2.46
CA CYS A 290 -6.52 6.02 1.71
C CYS A 290 -6.92 5.02 0.64
N TRP A 291 -6.09 5.01 -0.40
CA TRP A 291 -6.11 3.97 -1.41
C TRP A 291 -5.44 2.74 -0.85
N ALA A 292 -6.13 1.60 -0.85
CA ALA A 292 -5.49 0.34 -0.50
C ALA A 292 -5.32 -0.47 -1.77
N TRP A 293 -4.05 -0.66 -2.16
CA TRP A 293 -3.67 -1.40 -3.35
C TRP A 293 -3.42 -2.86 -2.99
N SER A 294 -3.82 -3.78 -3.86
CA SER A 294 -3.52 -5.20 -3.69
C SER A 294 -2.86 -5.74 -4.95
N ILE A 295 -1.74 -6.46 -4.81
CA ILE A 295 -1.09 -7.01 -6.00
C ILE A 295 -0.93 -8.51 -5.82
N ASN A 296 -1.27 -9.29 -6.86
CA ASN A 296 -0.89 -10.69 -7.00
C ASN A 296 0.06 -10.83 -8.20
N TRP A 297 1.06 -11.72 -8.09
CA TRP A 297 1.97 -11.98 -9.20
C TRP A 297 2.62 -13.35 -9.06
N GLN A 298 2.88 -13.98 -10.21
CA GLN A 298 3.59 -15.24 -10.30
C GLN A 298 4.96 -15.00 -10.92
N PRO A 299 6.07 -15.38 -10.26
CA PRO A 299 7.40 -15.10 -10.83
C PRO A 299 7.75 -15.94 -12.05
N ASP A 300 7.25 -17.19 -12.15
CA ASP A 300 7.79 -18.20 -13.06
C ASP A 300 6.97 -18.32 -14.34
N GLN A 301 5.64 -18.54 -14.24
CA GLN A 301 4.75 -18.61 -15.39
C GLN A 301 3.84 -17.37 -15.40
N PRO A 302 3.15 -17.08 -16.54
CA PRO A 302 1.98 -16.21 -16.52
C PRO A 302 0.93 -16.62 -15.50
N LEU A 303 0.05 -15.68 -15.18
CA LEU A 303 -1.14 -15.99 -14.41
C LEU A 303 -2.06 -16.74 -15.36
N THR A 304 -2.72 -17.80 -14.87
CA THR A 304 -3.63 -18.60 -15.67
C THR A 304 -4.92 -17.81 -15.86
N LYS A 305 -5.95 -18.39 -16.46
CA LYS A 305 -7.20 -17.65 -16.64
C LYS A 305 -8.08 -17.80 -15.40
N GLU A 306 -7.99 -18.94 -14.72
CA GLU A 306 -8.78 -19.23 -13.53
C GLU A 306 -8.21 -18.43 -12.36
N GLU A 307 -6.90 -18.13 -12.43
CA GLU A 307 -6.27 -17.24 -11.45
C GLU A 307 -6.79 -15.82 -11.70
N ARG A 308 -6.46 -15.28 -12.89
CA ARG A 308 -6.77 -13.91 -13.27
C ARG A 308 -8.26 -13.61 -13.16
N GLN A 309 -9.10 -14.56 -13.56
CA GLN A 309 -10.52 -14.34 -13.51
C GLN A 309 -11.02 -14.31 -12.06
N SER A 310 -10.49 -15.19 -11.21
CA SER A 310 -10.87 -15.22 -9.80
C SER A 310 -10.57 -13.89 -9.12
N MET A 311 -9.46 -13.27 -9.52
CA MET A 311 -9.09 -11.99 -8.99
C MET A 311 -10.07 -10.93 -9.49
N GLU A 312 -10.41 -10.95 -10.79
CA GLU A 312 -11.36 -10.01 -11.37
C GLU A 312 -12.73 -10.09 -10.70
N GLU A 313 -13.15 -11.27 -10.22
CA GLU A 313 -14.44 -11.46 -9.56
C GLU A 313 -14.40 -11.01 -8.10
N GLY A 314 -13.21 -10.77 -7.56
CA GLY A 314 -13.05 -10.14 -6.25
C GLY A 314 -12.83 -11.15 -5.12
N LYS A 315 -12.15 -12.24 -5.46
CA LYS A 315 -11.79 -13.23 -4.43
C LYS A 315 -10.34 -12.94 -4.06
N GLY A 316 -9.86 -13.57 -2.98
CA GLY A 316 -8.50 -13.35 -2.53
C GLY A 316 -8.40 -12.00 -1.83
N ILE A 317 -7.26 -11.34 -2.01
CA ILE A 317 -7.07 -10.01 -1.46
C ILE A 317 -7.69 -8.95 -2.35
N HIS A 318 -8.55 -9.31 -3.30
CA HIS A 318 -9.23 -8.32 -4.11
C HIS A 318 -10.67 -8.22 -3.64
N VAL A 319 -11.49 -7.34 -4.28
CA VAL A 319 -12.89 -7.18 -3.93
C VAL A 319 -13.77 -6.96 -5.16
N GLU A 320 -15.06 -7.22 -4.98
CA GLU A 320 -16.12 -6.83 -5.89
C GLU A 320 -16.57 -5.41 -5.55
N TYR A 321 -17.02 -4.63 -6.53
CA TYR A 321 -17.32 -3.23 -6.29
C TYR A 321 -18.83 -2.99 -6.20
N GLU A 322 -19.19 -1.89 -5.57
CA GLU A 322 -20.58 -1.48 -5.42
C GLU A 322 -21.20 -1.24 -6.78
N GLU A 323 -20.59 -0.36 -7.59
CA GLU A 323 -20.99 -0.07 -8.95
C GLU A 323 -19.76 -0.04 -9.84
N PRO A 324 -19.89 -0.07 -11.17
CA PRO A 324 -18.70 -0.04 -12.06
C PRO A 324 -17.94 1.29 -12.14
N GLY A 325 -16.59 1.17 -12.13
CA GLY A 325 -15.66 2.26 -11.84
C GLY A 325 -16.03 3.04 -10.57
N SER A 326 -16.25 2.35 -9.44
CA SER A 326 -16.60 2.99 -8.17
C SER A 326 -15.39 2.99 -7.24
N PHE A 327 -14.77 1.83 -7.08
CA PHE A 327 -13.66 1.65 -6.14
C PHE A 327 -14.14 1.67 -4.69
N ILE A 328 -15.43 1.87 -4.43
CA ILE A 328 -15.98 1.49 -3.14
C ILE A 328 -16.33 0.01 -3.20
N PRO A 329 -15.94 -0.78 -2.17
CA PRO A 329 -16.28 -2.19 -2.07
C PRO A 329 -17.77 -2.46 -2.00
N LYS A 330 -18.14 -3.67 -2.42
CA LYS A 330 -19.49 -4.18 -2.32
C LYS A 330 -19.91 -4.19 -0.85
N ALA A 331 -19.05 -4.69 0.03
CA ALA A 331 -19.33 -4.65 1.46
C ALA A 331 -18.69 -3.41 2.07
N ASN A 332 -19.53 -2.54 2.68
CA ASN A 332 -19.02 -1.27 3.17
C ASN A 332 -19.85 -0.83 4.35
N ARG A 333 -19.54 0.36 4.86
CA ARG A 333 -20.17 0.86 6.08
C ARG A 333 -21.66 1.13 5.92
N ASN A 334 -22.20 1.13 4.70
CA ASN A 334 -23.63 1.35 4.53
C ASN A 334 -24.47 0.09 4.63
N ASN A 335 -23.97 -1.06 4.22
CA ASN A 335 -24.72 -2.30 4.37
C ASN A 335 -24.25 -3.15 5.56
N ASP A 336 -23.57 -2.56 6.56
CA ASP A 336 -23.07 -3.30 7.72
C ASP A 336 -22.02 -4.34 7.29
N TYR A 337 -21.32 -4.07 6.17
CA TYR A 337 -20.33 -4.95 5.58
C TYR A 337 -20.87 -6.36 5.28
N GLY A 338 -22.20 -6.47 5.12
CA GLY A 338 -22.85 -7.72 4.78
C GLY A 338 -23.02 -8.65 5.99
N MET A 339 -23.00 -8.12 7.22
CA MET A 339 -22.90 -9.02 8.36
C MET A 339 -23.94 -10.12 8.32
N ASP A 340 -23.48 -11.37 8.50
CA ASP A 340 -24.29 -12.58 8.64
C ASP A 340 -24.05 -13.24 10.01
N ARG A 341 -24.91 -12.91 10.99
CA ARG A 341 -24.73 -13.46 12.33
C ARG A 341 -24.99 -14.95 12.38
N VAL A 342 -25.78 -15.48 11.43
CA VAL A 342 -26.13 -16.89 11.41
C VAL A 342 -24.84 -17.65 11.12
N ALA A 343 -24.17 -17.27 10.02
CA ALA A 343 -22.85 -17.78 9.64
C ALA A 343 -21.83 -17.67 10.77
N GLN A 344 -21.95 -16.62 11.57
CA GLN A 344 -21.06 -16.47 12.70
C GLN A 344 -21.28 -17.60 13.71
N ARG A 345 -22.54 -17.98 13.94
CA ARG A 345 -22.89 -18.95 14.98
C ARG A 345 -22.47 -20.32 14.48
N GLU A 346 -22.68 -20.58 13.19
CA GLU A 346 -22.35 -21.86 12.57
C GLU A 346 -20.88 -21.95 12.14
N GLU A 347 -20.02 -21.01 12.54
CA GLU A 347 -18.58 -21.14 12.35
C GLU A 347 -18.20 -21.31 10.87
N ARG A 348 -18.84 -20.57 9.98
CA ARG A 348 -18.34 -20.35 8.63
C ARG A 348 -17.77 -18.94 8.47
N SER A 349 -17.73 -18.15 9.55
CA SER A 349 -17.11 -16.83 9.54
C SER A 349 -16.94 -16.34 10.97
N TYR A 350 -15.74 -15.82 11.27
CA TYR A 350 -15.36 -15.53 12.65
C TYR A 350 -16.04 -14.25 13.08
N SER A 351 -15.95 -13.22 12.23
CA SER A 351 -16.44 -11.88 12.51
C SER A 351 -17.91 -11.74 12.12
N GLY A 352 -18.38 -12.66 11.28
CA GLY A 352 -19.71 -12.53 10.70
C GLY A 352 -19.64 -11.93 9.29
N ILE A 353 -18.43 -11.65 8.83
CA ILE A 353 -18.24 -10.98 7.56
C ILE A 353 -17.47 -11.86 6.59
N PHE A 354 -17.77 -11.76 5.29
CA PHE A 354 -17.16 -12.65 4.31
C PHE A 354 -16.18 -11.85 3.46
N GLY A 355 -15.05 -12.48 3.10
CA GLY A 355 -14.06 -11.92 2.18
C GLY A 355 -12.83 -11.44 2.94
N PHE A 356 -11.66 -11.92 2.53
CA PHE A 356 -10.41 -11.42 3.05
C PHE A 356 -10.46 -9.90 3.26
N SER A 357 -10.50 -9.14 2.17
CA SER A 357 -10.34 -7.71 2.27
C SER A 357 -11.35 -7.17 3.29
N ALA A 358 -12.63 -7.50 3.11
CA ALA A 358 -13.67 -6.93 3.97
C ALA A 358 -13.46 -7.23 5.45
N GLN A 359 -13.01 -8.46 5.74
CA GLN A 359 -12.83 -8.89 7.13
C GLN A 359 -11.86 -8.01 7.89
N ASP A 360 -10.85 -7.50 7.15
CA ASP A 360 -9.76 -6.64 7.61
C ASP A 360 -10.21 -5.18 7.66
N TYR A 361 -10.78 -4.65 6.57
CA TYR A 361 -11.07 -3.22 6.56
C TYR A 361 -12.34 -2.94 7.36
N SER A 362 -13.28 -3.89 7.45
CA SER A 362 -14.43 -3.68 8.33
C SER A 362 -13.94 -3.24 9.72
N LEU A 363 -12.93 -3.94 10.26
CA LEU A 363 -12.48 -3.70 11.62
C LEU A 363 -11.71 -2.38 11.68
N GLN A 364 -10.85 -2.13 10.69
CA GLN A 364 -10.05 -0.91 10.67
C GLN A 364 -10.91 0.33 10.47
N GLU A 365 -11.98 0.25 9.64
CA GLU A 365 -12.89 1.39 9.47
C GLU A 365 -13.58 1.64 10.82
N SER A 366 -13.92 0.57 11.56
CA SER A 366 -14.70 0.67 12.80
C SER A 366 -13.94 1.35 13.93
N MET A 367 -12.63 1.56 13.78
CA MET A 367 -11.84 2.23 14.82
C MET A 367 -12.13 3.73 14.81
N GLY A 368 -12.88 4.18 13.80
CA GLY A 368 -12.97 5.60 13.47
C GLY A 368 -11.90 5.97 12.46
N PRO A 369 -12.04 7.07 11.70
CA PRO A 369 -11.06 7.44 10.67
C PRO A 369 -9.60 7.41 11.12
N ILE A 370 -9.31 7.91 12.33
CA ILE A 370 -8.00 7.78 12.96
C ILE A 370 -8.11 7.05 14.30
N GLN A 371 -7.46 5.87 14.41
CA GLN A 371 -7.41 5.06 15.61
C GLN A 371 -7.10 5.94 16.82
N ASP A 372 -7.71 5.62 17.96
CA ASP A 372 -7.47 6.35 19.21
C ASP A 372 -6.19 5.85 19.86
N HIS A 373 -5.07 6.52 19.55
CA HIS A 373 -3.74 6.03 19.88
C HIS A 373 -3.51 6.12 21.39
N ALA A 374 -4.23 7.06 22.02
CA ALA A 374 -4.18 7.27 23.46
C ALA A 374 -4.68 6.05 24.22
N ALA A 375 -5.70 5.38 23.66
CA ALA A 375 -6.40 4.32 24.35
C ALA A 375 -5.89 2.93 23.93
N GLU A 376 -4.90 2.87 23.02
CA GLU A 376 -4.35 1.59 22.62
C GLU A 376 -3.54 1.06 23.80
N ARG A 377 -3.69 -0.25 24.04
CA ARG A 377 -2.91 -1.01 25.00
C ARG A 377 -2.28 -2.17 24.22
N LEU A 378 -0.96 -2.14 23.98
CA LEU A 378 -0.32 -3.03 23.01
C LEU A 378 0.03 -4.39 23.61
N LEU A 379 0.10 -5.41 22.73
CA LEU A 379 0.50 -6.76 23.11
C LEU A 379 1.69 -7.21 22.27
N PRO A 380 2.32 -8.36 22.64
CA PRO A 380 3.43 -8.91 21.88
C PRO A 380 3.28 -9.12 20.38
N THR A 381 2.06 -9.40 19.93
CA THR A 381 1.81 -9.61 18.52
C THR A 381 2.01 -8.32 17.71
N ASP A 382 2.28 -7.22 18.42
CA ASP A 382 2.35 -5.91 17.79
C ASP A 382 3.80 -5.48 17.66
N LYS A 383 4.73 -6.44 17.67
CA LYS A 383 6.14 -6.07 17.64
C LYS A 383 6.49 -5.40 16.32
N ALA A 384 6.06 -5.97 15.20
CA ALA A 384 6.36 -5.36 13.91
C ALA A 384 5.82 -3.93 13.86
N ILE A 385 4.63 -3.72 14.42
CA ILE A 385 3.96 -2.44 14.28
C ILE A 385 4.80 -1.38 14.97
N VAL A 386 5.26 -1.72 16.18
CA VAL A 386 5.98 -0.76 16.99
C VAL A 386 7.27 -0.32 16.33
N MET A 387 7.92 -1.25 15.64
CA MET A 387 9.23 -0.90 15.04
C MET A 387 8.99 -0.08 13.77
N ALA A 388 7.97 -0.45 13.00
CA ALA A 388 7.73 0.31 11.80
C ALA A 388 7.38 1.74 12.22
N ARG A 389 6.65 1.88 13.31
CA ARG A 389 6.33 3.21 13.75
C ARG A 389 7.59 4.02 14.04
N ARG A 390 8.58 3.38 14.68
CA ARG A 390 9.80 4.11 15.00
C ARG A 390 10.56 4.52 13.75
N MET A 391 10.69 3.59 12.79
CA MET A 391 11.40 3.90 11.56
C MET A 391 10.75 5.12 10.89
N LEU A 392 9.40 5.15 10.87
CA LEU A 392 8.69 6.25 10.24
C LEU A 392 8.94 7.53 11.01
N ASN A 393 8.80 7.49 12.34
CA ASN A 393 8.91 8.70 13.14
C ASN A 393 10.31 9.28 12.98
N GLU A 394 11.34 8.42 13.10
CA GLU A 394 12.72 8.86 13.07
C GLU A 394 13.07 9.38 11.68
N ALA A 395 12.51 8.81 10.61
CA ALA A 395 12.78 9.38 9.28
C ALA A 395 12.14 10.77 9.13
N ALA A 396 10.91 10.89 9.63
CA ALA A 396 10.12 12.10 9.46
C ALA A 396 10.79 13.27 10.16
N LEU A 397 11.21 12.99 11.40
CA LEU A 397 11.83 13.95 12.29
C LEU A 397 13.25 14.29 11.82
N GLY A 398 13.93 13.27 11.29
CA GLY A 398 15.27 13.42 10.72
C GLY A 398 15.26 14.26 9.45
N LEU A 399 14.17 14.25 8.70
CA LEU A 399 14.14 14.98 7.44
C LEU A 399 14.03 16.48 7.73
N GLU A 400 13.21 16.81 8.74
CA GLU A 400 13.17 18.14 9.34
C GLU A 400 14.58 18.65 9.61
N GLN A 401 15.48 17.78 10.08
CA GLN A 401 16.78 18.23 10.55
C GLN A 401 17.84 18.05 9.47
N GLY A 402 17.41 17.73 8.24
CA GLY A 402 18.30 17.72 7.09
C GLY A 402 18.89 16.35 6.78
N GLU A 403 18.57 15.30 7.57
CA GLU A 403 19.06 13.96 7.30
C GLU A 403 18.35 13.41 6.06
N THR A 404 19.01 12.47 5.38
CA THR A 404 18.50 11.86 4.16
C THR A 404 17.69 10.65 4.59
N PRO A 405 16.51 10.45 3.98
CA PRO A 405 15.63 9.38 4.41
C PRO A 405 16.06 8.01 3.91
N PRO A 406 15.59 6.94 4.58
CA PRO A 406 15.97 5.57 4.25
C PRO A 406 15.33 5.04 2.98
N ALA A 407 15.85 3.90 2.52
CA ALA A 407 15.28 3.10 1.44
C ALA A 407 15.05 3.90 0.15
N LEU A 408 15.94 4.82 -0.19
CA LEU A 408 15.72 5.53 -1.45
C LEU A 408 16.21 4.71 -2.64
N ASP A 409 16.97 3.64 -2.39
CA ASP A 409 17.74 2.98 -3.43
C ASP A 409 17.02 1.72 -3.93
N ALA A 410 16.46 1.81 -5.15
CA ALA A 410 15.54 0.81 -5.69
C ALA A 410 16.17 -0.58 -5.78
N SER A 411 17.48 -0.65 -6.05
CA SER A 411 18.17 -1.93 -6.22
C SER A 411 18.10 -2.79 -4.96
N GLU A 412 17.94 -2.19 -3.77
CA GLU A 412 17.81 -2.98 -2.55
C GLU A 412 16.42 -3.59 -2.39
N GLN A 413 15.48 -3.32 -3.31
CA GLN A 413 14.12 -3.83 -3.21
C GLN A 413 13.88 -5.13 -3.99
N HIS A 414 14.93 -5.86 -4.39
CA HIS A 414 14.76 -7.13 -5.10
C HIS A 414 14.68 -8.30 -4.11
N VAL A 415 13.59 -8.40 -3.35
CA VAL A 415 13.54 -9.35 -2.25
C VAL A 415 12.24 -10.15 -2.29
N ARG A 416 12.20 -11.17 -1.43
CA ARG A 416 11.05 -12.04 -1.38
C ARG A 416 10.61 -12.39 0.04
N PRO A 417 9.29 -12.62 0.21
CA PRO A 417 8.78 -13.26 1.42
C PRO A 417 9.00 -14.77 1.34
N ALA A 418 8.64 -15.48 2.42
CA ALA A 418 8.94 -16.90 2.52
C ALA A 418 8.18 -17.57 3.66
N GLY A 419 7.95 -18.89 3.52
CA GLY A 419 7.64 -19.75 4.65
C GLY A 419 8.58 -20.97 4.70
N VAL A 420 9.03 -21.34 5.92
CA VAL A 420 9.81 -22.55 6.17
C VAL A 420 9.32 -23.22 7.44
N LEU A 421 9.27 -24.56 7.41
CA LEU A 421 9.32 -25.38 8.60
C LEU A 421 10.79 -25.57 8.99
N LEU A 422 11.08 -25.42 10.29
CA LEU A 422 12.43 -25.44 10.82
C LEU A 422 12.42 -26.07 12.19
N PRO A 423 13.48 -26.82 12.57
CA PRO A 423 13.64 -27.29 13.95
C PRO A 423 13.69 -26.10 14.89
N ARG A 424 13.25 -26.33 16.14
CA ARG A 424 13.09 -25.27 17.12
C ARG A 424 14.42 -24.74 17.61
N ASP A 425 15.54 -25.40 17.31
CA ASP A 425 16.85 -24.86 17.68
C ASP A 425 17.46 -24.01 16.55
N GLN A 426 17.05 -24.23 15.28
CA GLN A 426 17.62 -23.46 14.17
C GLN A 426 17.12 -22.02 14.23
N ASP A 427 18.07 -21.07 14.10
CA ASP A 427 17.81 -19.64 14.07
C ASP A 427 17.41 -19.19 12.66
N PRO A 428 16.23 -18.53 12.50
CA PRO A 428 15.68 -18.25 11.18
C PRO A 428 16.38 -17.10 10.47
N VAL A 429 16.96 -16.21 11.26
CA VAL A 429 17.66 -15.08 10.68
C VAL A 429 18.89 -15.59 9.95
N ALA A 430 19.66 -16.48 10.62
CA ALA A 430 20.78 -17.15 9.98
C ALA A 430 20.30 -17.91 8.75
N TRP A 431 19.22 -18.68 8.89
CA TRP A 431 18.65 -19.41 7.78
C TRP A 431 18.43 -18.48 6.60
N ALA A 432 17.92 -17.28 6.85
CA ALA A 432 17.52 -16.42 5.75
C ALA A 432 18.72 -15.68 5.15
N ARG A 433 19.80 -15.51 5.94
CA ARG A 433 21.04 -15.00 5.39
C ARG A 433 21.47 -15.94 4.26
N GLU A 434 21.35 -17.24 4.53
CA GLU A 434 21.81 -18.27 3.60
C GLU A 434 20.86 -18.32 2.39
N GLU A 435 19.56 -18.42 2.66
CA GLU A 435 18.60 -18.86 1.65
C GLU A 435 17.94 -17.71 0.87
N LEU A 436 17.84 -16.51 1.46
CA LEU A 436 17.07 -15.44 0.86
C LEU A 436 17.98 -14.40 0.22
N ALA A 437 19.30 -14.64 0.20
CA ALA A 437 20.19 -13.91 -0.70
C ALA A 437 19.80 -14.24 -2.14
N ASP A 438 19.67 -13.19 -2.97
CA ASP A 438 19.36 -13.28 -4.39
C ASP A 438 18.03 -14.01 -4.63
N ALA A 439 17.02 -13.72 -3.80
CA ALA A 439 15.87 -14.61 -3.68
C ALA A 439 14.99 -14.64 -4.92
N THR A 440 15.06 -13.64 -5.81
CA THR A 440 14.13 -13.61 -6.94
C THR A 440 14.67 -14.47 -8.08
N LYS A 441 15.90 -14.98 -7.92
CA LYS A 441 16.49 -15.89 -8.89
C LYS A 441 16.09 -17.33 -8.56
N LYS A 442 16.06 -17.68 -7.26
CA LYS A 442 15.58 -18.98 -6.79
C LYS A 442 14.08 -19.10 -6.99
N PRO A 443 13.48 -20.29 -6.89
CA PRO A 443 12.03 -20.39 -6.62
C PRO A 443 11.62 -19.97 -5.20
N VAL A 444 10.31 -19.97 -5.02
CA VAL A 444 9.66 -19.42 -3.84
C VAL A 444 9.70 -20.44 -2.71
N PHE A 445 10.22 -20.03 -1.55
CA PHE A 445 10.11 -20.84 -0.34
C PHE A 445 8.70 -20.83 0.24
N SER A 446 8.06 -22.01 0.30
CA SER A 446 6.62 -22.09 0.53
C SER A 446 6.26 -23.28 1.41
N LEU A 447 5.00 -23.31 1.85
CA LEU A 447 4.29 -24.49 2.31
C LEU A 447 2.79 -24.30 2.02
FE FE2 B . -5.79 -10.00 6.66
FE1 FES C . -10.42 31.32 -16.82
FE2 FES C . -9.48 28.78 -16.44
S1 FES C . -9.12 30.13 -18.12
S2 FES C . -10.64 29.95 -15.05
#